data_1RP0
#
_entry.id   1RP0
#
_cell.length_a   102.356
_cell.length_b   133.147
_cell.length_c   142.301
_cell.angle_alpha   90.00
_cell.angle_beta   90.00
_cell.angle_gamma   90.00
#
_symmetry.space_group_name_H-M   'F 2 2 2'
#
loop_
_entity.id
_entity.type
_entity.pdbx_description
1 polymer 'Thiazole biosynthetic enzyme'
2 non-polymer 'ZINC ION'
3 non-polymer 'ADENOSINE DIPHOSPHATE 5-(BETA-ETHYL)-4-METHYL-THIAZOLE-2-CARBOXYLIC ACID'
4 non-polymer HEPTANE-1,2,3-TRIOL
5 water water
#
_entity_poly.entity_id   1
_entity_poly.type   'polypeptide(L)'
_entity_poly.pdbx_seq_one_letter_code
;GRGSAGYDLNAFTFDPIKESIVSREMTRRYMTDMITYAETDVVVVGAGSAGLSAAYEISKNPNVQVAIIEQSVSPGGGAW
LGGQLFSAMIVRKPAHLFLDEIGVAYDEQDTYVVVKHAALFTSTIMSKLLARPNVKLFNAVAAEDLIVKGNRVGGVVTNW
ALVAQNHHTQSCMDPNVMEAKIVVSSCGHDGPFGATGVKRLKSIGMIDHVPGMKALDMNTAEDAIVRLTREVVPGMIVTG
MEVAEIDGAPRMGPTFGAMMISGQKAGQLALKALGLPNAIDGTL
;
_entity_poly.pdbx_strand_id   A,B
#
loop_
_chem_comp.id
_chem_comp.type
_chem_comp.name
_chem_comp.formula
AHZ non-polymer 'ADENOSINE DIPHOSPHATE 5-(BETA-ETHYL)-4-METHYL-THIAZOLE-2-CARBOXYLIC ACID' 'C17 H19 N6 O12 P2 S -3'
HTO non-polymer HEPTANE-1,2,3-TRIOL 'C7 H16 O3'
ZN non-polymer 'ZINC ION' 'Zn 2'
#
# COMPACT_ATOMS: atom_id res chain seq x y z
N TYR A 7 27.73 -21.35 13.71
CA TYR A 7 27.38 -20.34 14.75
C TYR A 7 26.99 -21.00 16.07
N ASP A 8 27.06 -20.24 17.15
CA ASP A 8 26.70 -20.70 18.49
C ASP A 8 25.43 -20.01 19.00
N LEU A 9 24.39 -20.81 19.22
CA LEU A 9 23.11 -20.28 19.68
C LEU A 9 23.24 -19.67 21.07
N ASN A 10 24.31 -19.99 21.78
CA ASN A 10 24.55 -19.43 23.11
C ASN A 10 25.32 -18.13 23.17
N ALA A 11 25.88 -17.71 22.04
CA ALA A 11 26.74 -16.55 21.99
C ALA A 11 26.71 -16.11 20.54
N PHE A 12 25.63 -15.45 20.15
CA PHE A 12 25.30 -15.26 18.73
C PHE A 12 25.43 -13.79 18.36
N THR A 13 26.13 -13.48 17.28
CA THR A 13 26.23 -12.10 16.79
C THR A 13 25.90 -12.07 15.30
N PHE A 14 24.99 -11.21 14.89
CA PHE A 14 24.77 -10.96 13.47
C PHE A 14 25.79 -10.02 12.87
N ASP A 15 26.12 -10.22 11.59
CA ASP A 15 26.97 -9.26 10.89
C ASP A 15 26.23 -7.90 10.84
N PRO A 16 26.95 -6.81 10.77
CA PRO A 16 26.33 -5.48 10.88
C PRO A 16 25.45 -5.18 9.66
N ILE A 17 24.52 -4.23 9.81
CA ILE A 17 23.64 -3.82 8.72
C ILE A 17 23.39 -2.31 8.88
N LYS A 18 22.91 -1.67 7.82
CA LYS A 18 22.38 -0.32 7.90
C LYS A 18 20.91 -0.38 7.49
N GLU A 19 20.05 0.28 8.25
CA GLU A 19 18.62 0.26 7.93
C GLU A 19 18.32 0.63 6.49
N SER A 20 18.93 1.67 5.99
CA SER A 20 18.68 2.16 4.65
C SER A 20 18.98 1.12 3.57
N ILE A 21 19.95 0.24 3.80
CA ILE A 21 20.25 -0.86 2.88
C ILE A 21 19.09 -1.84 2.73
N VAL A 22 18.46 -2.17 3.84
CA VAL A 22 17.31 -3.06 3.85
C VAL A 22 16.16 -2.47 3.03
N SER A 23 15.84 -1.20 3.28
CA SER A 23 14.84 -0.51 2.49
C SER A 23 15.18 -0.55 1.02
N ARG A 24 16.40 -0.14 0.67
CA ARG A 24 16.79 -0.06 -0.72
C ARG A 24 16.77 -1.40 -1.43
N GLU A 25 17.20 -2.45 -0.75
CA GLU A 25 17.13 -3.81 -1.34
C GLU A 25 15.70 -4.20 -1.64
N MET A 26 14.79 -4.01 -0.70
CA MET A 26 13.40 -4.40 -0.92
C MET A 26 12.77 -3.63 -2.05
N THR A 27 13.06 -2.33 -2.06
CA THR A 27 12.48 -1.40 -3.03
C THR A 27 12.95 -1.68 -4.44
N ARG A 28 14.26 -1.82 -4.59
CA ARG A 28 14.83 -2.04 -5.89
C ARG A 28 14.29 -3.32 -6.48
N ARG A 29 14.25 -4.36 -5.65
CA ARG A 29 13.77 -5.65 -6.11
C ARG A 29 12.30 -5.64 -6.47
N TYR A 30 11.47 -4.99 -5.67
CA TYR A 30 10.04 -4.96 -5.98
C TYR A 30 9.76 -4.12 -7.22
N MET A 31 10.49 -3.02 -7.35
CA MET A 31 10.49 -2.17 -8.56
C MET A 31 10.79 -2.93 -9.81
N THR A 32 11.90 -3.67 -9.83
CA THR A 32 12.20 -4.39 -11.01
C THR A 32 11.16 -5.47 -11.33
N ASP A 33 10.59 -6.11 -10.30
CA ASP A 33 9.53 -7.06 -10.53
C ASP A 33 8.32 -6.36 -11.15
N MET A 34 7.92 -5.24 -10.57
CA MET A 34 6.75 -4.56 -11.13
C MET A 34 6.98 -4.05 -12.54
N ILE A 35 8.19 -3.60 -12.88
CA ILE A 35 8.48 -3.22 -14.26
C ILE A 35 8.37 -4.41 -15.22
N THR A 36 8.98 -5.54 -14.84
CA THR A 36 8.92 -6.74 -15.65
C THR A 36 7.50 -7.20 -15.90
N TYR A 37 6.73 -7.27 -14.82
CA TYR A 37 5.42 -7.87 -14.92
C TYR A 37 4.30 -6.92 -15.31
N ALA A 38 4.63 -5.66 -15.60
CA ALA A 38 3.61 -4.73 -16.08
C ALA A 38 3.02 -5.17 -17.44
N GLU A 39 3.78 -5.97 -18.19
CA GLU A 39 3.31 -6.64 -19.40
C GLU A 39 3.76 -8.08 -19.21
N THR A 40 2.83 -8.97 -18.89
CA THR A 40 3.18 -10.34 -18.54
C THR A 40 2.48 -11.34 -19.47
N ASP A 41 2.99 -12.57 -19.52
CA ASP A 41 2.32 -13.57 -20.33
C ASP A 41 1.00 -14.01 -19.67
N VAL A 42 1.06 -14.46 -18.42
CA VAL A 42 -0.12 -14.91 -17.70
C VAL A 42 -0.22 -14.16 -16.39
N VAL A 43 -1.41 -13.69 -16.04
CA VAL A 43 -1.70 -13.31 -14.68
C VAL A 43 -2.73 -14.27 -14.12
N VAL A 44 -2.40 -14.84 -12.97
CA VAL A 44 -3.35 -15.68 -12.23
C VAL A 44 -3.88 -14.82 -11.09
N VAL A 45 -5.19 -14.63 -11.07
CA VAL A 45 -5.85 -13.87 -10.02
C VAL A 45 -6.40 -14.87 -8.98
N GLY A 46 -5.82 -14.85 -7.79
CA GLY A 46 -6.24 -15.75 -6.71
C GLY A 46 -5.27 -16.88 -6.51
N ALA A 47 -4.73 -16.99 -5.29
CA ALA A 47 -3.75 -18.03 -4.95
C ALA A 47 -4.32 -19.07 -3.98
N GLY A 48 -5.55 -19.50 -4.25
CA GLY A 48 -6.19 -20.65 -3.57
C GLY A 48 -5.74 -21.93 -4.22
N SER A 49 -6.37 -23.07 -3.89
CA SER A 49 -5.92 -24.32 -4.47
C SER A 49 -5.98 -24.33 -6.01
N ALA A 50 -7.02 -23.74 -6.58
CA ALA A 50 -7.12 -23.74 -8.02
C ALA A 50 -6.05 -22.85 -8.69
N GLY A 51 -5.91 -21.62 -8.20
CA GLY A 51 -4.91 -20.74 -8.75
C GLY A 51 -3.49 -21.21 -8.58
N LEU A 52 -3.15 -21.77 -7.42
CA LEU A 52 -1.83 -22.34 -7.22
C LEU A 52 -1.58 -23.48 -8.19
N SER A 53 -2.57 -24.33 -8.35
CA SER A 53 -2.46 -25.47 -9.26
C SER A 53 -2.27 -25.01 -10.71
N ALA A 54 -2.98 -23.95 -11.12
CA ALA A 54 -2.83 -23.41 -12.46
C ALA A 54 -1.46 -22.79 -12.65
N ALA A 55 -1.01 -21.98 -11.69
CA ALA A 55 0.33 -21.40 -11.80
C ALA A 55 1.45 -22.44 -11.83
N TYR A 56 1.32 -23.48 -11.01
CA TYR A 56 2.24 -24.61 -10.95
C TYR A 56 2.30 -25.31 -12.31
N GLU A 57 1.14 -25.55 -12.91
CA GLU A 57 1.10 -26.22 -14.21
C GLU A 57 1.73 -25.38 -15.33
N ILE A 58 1.38 -24.08 -15.38
CA ILE A 58 1.87 -23.21 -16.45
C ILE A 58 3.40 -23.08 -16.34
N SER A 59 3.89 -22.91 -15.13
CA SER A 59 5.28 -22.48 -14.94
C SER A 59 6.23 -23.65 -15.08
N LYS A 60 5.70 -24.85 -15.28
CA LYS A 60 6.53 -25.97 -15.72
C LYS A 60 7.18 -25.67 -17.07
N ASN A 61 6.59 -24.77 -17.86
CA ASN A 61 7.26 -24.19 -19.02
C ASN A 61 8.08 -23.00 -18.56
N PRO A 62 9.40 -23.11 -18.59
CA PRO A 62 10.28 -22.07 -18.02
C PRO A 62 10.29 -20.76 -18.80
N ASN A 63 9.72 -20.78 -20.00
CA ASN A 63 9.72 -19.66 -20.93
C ASN A 63 8.50 -18.76 -20.71
N VAL A 64 7.59 -19.21 -19.85
CA VAL A 64 6.34 -18.49 -19.63
C VAL A 64 6.37 -17.70 -18.33
N GLN A 65 6.13 -16.40 -18.43
CA GLN A 65 6.07 -15.54 -17.27
C GLN A 65 4.71 -15.58 -16.59
N VAL A 66 4.74 -15.85 -15.30
CA VAL A 66 3.54 -15.98 -14.49
C VAL A 66 3.49 -15.04 -13.32
N ALA A 67 2.56 -14.09 -13.35
CA ALA A 67 2.29 -13.25 -12.19
C ALA A 67 1.09 -13.82 -11.43
N ILE A 68 1.18 -13.90 -10.12
CA ILE A 68 0.06 -14.31 -9.28
C ILE A 68 -0.32 -13.08 -8.46
N ILE A 69 -1.59 -12.69 -8.57
CA ILE A 69 -2.14 -11.55 -7.86
C ILE A 69 -3.02 -12.16 -6.76
N GLU A 70 -2.71 -11.85 -5.50
CA GLU A 70 -3.48 -12.38 -4.38
C GLU A 70 -3.75 -11.25 -3.39
N GLN A 71 -5.03 -11.01 -3.09
CA GLN A 71 -5.40 -9.85 -2.30
C GLN A 71 -5.00 -10.05 -0.84
N SER A 72 -5.10 -11.27 -0.35
CA SER A 72 -4.71 -11.52 1.05
C SER A 72 -3.21 -11.40 1.21
N VAL A 73 -2.78 -11.05 2.42
CA VAL A 73 -1.36 -11.15 2.70
C VAL A 73 -0.89 -12.59 2.61
N SER A 74 -1.67 -13.53 3.15
CA SER A 74 -1.35 -14.96 3.02
C SER A 74 -1.92 -15.52 1.74
N PRO A 75 -1.13 -16.21 0.93
CA PRO A 75 -1.68 -17.01 -0.17
C PRO A 75 -2.32 -18.28 0.43
N GLY A 76 -2.96 -19.08 -0.41
CA GLY A 76 -3.49 -20.36 -0.01
C GLY A 76 -5.00 -20.45 -0.06
N GLY A 77 -5.68 -19.32 -0.03
CA GLY A 77 -7.14 -19.31 -0.07
C GLY A 77 -7.75 -20.22 0.97
N GLY A 78 -8.72 -21.04 0.54
CA GLY A 78 -9.45 -21.92 1.41
C GLY A 78 -8.75 -23.25 1.65
N ALA A 79 -7.51 -23.39 1.22
CA ALA A 79 -6.82 -24.66 1.36
C ALA A 79 -5.85 -24.79 2.54
N TRP A 80 -6.12 -24.04 3.60
CA TRP A 80 -5.39 -24.21 4.84
C TRP A 80 -6.09 -25.17 5.82
N LEU A 81 -7.32 -25.54 5.51
CA LEU A 81 -8.18 -26.37 6.37
C LEU A 81 -9.02 -27.28 5.51
N GLY A 82 -9.50 -28.36 6.10
CA GLY A 82 -10.65 -29.09 5.60
C GLY A 82 -11.93 -28.35 5.97
N GLY A 83 -12.95 -29.11 6.35
CA GLY A 83 -14.26 -28.60 6.68
C GLY A 83 -14.42 -28.41 8.17
N GLN A 84 -15.22 -27.42 8.56
CA GLN A 84 -15.52 -27.13 9.96
C GLN A 84 -14.29 -26.91 10.86
N LEU A 85 -13.28 -26.30 10.25
CA LEU A 85 -12.00 -25.97 10.90
C LEU A 85 -11.16 -27.23 11.21
N PHE A 86 -11.56 -28.36 10.70
CA PHE A 86 -10.77 -29.60 10.82
C PHE A 86 -9.67 -29.59 9.76
N SER A 87 -8.78 -30.58 9.80
CA SER A 87 -7.50 -30.45 9.08
C SER A 87 -7.44 -31.26 7.77
N ALA A 88 -8.09 -32.41 7.72
CA ALA A 88 -7.80 -33.40 6.68
C ALA A 88 -8.40 -32.96 5.35
N MET A 89 -7.63 -33.22 4.32
CA MET A 89 -7.90 -32.82 2.96
C MET A 89 -8.20 -34.07 2.16
N ILE A 90 -9.45 -34.21 1.74
CA ILE A 90 -9.87 -35.35 0.93
C ILE A 90 -9.73 -34.98 -0.54
N VAL A 91 -9.03 -35.82 -1.28
CA VAL A 91 -8.82 -35.70 -2.71
C VAL A 91 -9.27 -36.99 -3.40
N ARG A 92 -10.29 -36.89 -4.26
CA ARG A 92 -10.78 -38.06 -4.96
C ARG A 92 -9.82 -38.50 -6.06
N LYS A 93 -9.70 -39.82 -6.23
CA LYS A 93 -8.98 -40.35 -7.36
C LYS A 93 -9.65 -39.97 -8.67
N PRO A 94 -8.90 -39.79 -9.75
CA PRO A 94 -7.45 -39.96 -9.81
C PRO A 94 -6.56 -38.74 -9.57
N ALA A 95 -7.04 -37.74 -8.84
CA ALA A 95 -6.24 -36.53 -8.61
C ALA A 95 -5.09 -36.79 -7.66
N HIS A 96 -5.06 -37.96 -7.05
CA HIS A 96 -3.94 -38.29 -6.18
C HIS A 96 -2.65 -38.39 -7.02
N LEU A 97 -2.78 -38.63 -8.32
CA LEU A 97 -1.60 -38.61 -9.19
C LEU A 97 -0.97 -37.22 -9.22
N PHE A 98 -1.77 -36.17 -9.05
CA PHE A 98 -1.26 -34.81 -9.04
C PHE A 98 -0.48 -34.61 -7.76
N LEU A 99 -1.02 -35.11 -6.65
CA LEU A 99 -0.28 -35.08 -5.38
C LEU A 99 1.07 -35.78 -5.46
N ASP A 100 1.09 -36.93 -6.15
CA ASP A 100 2.31 -37.69 -6.37
C ASP A 100 3.36 -36.80 -7.05
N GLU A 101 2.93 -36.11 -8.11
CA GLU A 101 3.86 -35.27 -8.84
C GLU A 101 4.47 -34.14 -8.01
N ILE A 102 3.67 -33.49 -7.17
CA ILE A 102 4.10 -32.39 -6.34
C ILE A 102 4.87 -32.86 -5.12
N GLY A 103 4.69 -34.12 -4.76
CA GLY A 103 5.39 -34.72 -3.63
C GLY A 103 4.68 -34.56 -2.28
N VAL A 104 3.37 -34.76 -2.31
CA VAL A 104 2.57 -34.65 -1.12
C VAL A 104 2.08 -36.04 -0.75
N ALA A 105 2.41 -36.52 0.44
CA ALA A 105 2.01 -37.83 0.94
C ALA A 105 0.52 -37.82 1.29
N TYR A 106 -0.06 -39.00 1.29
CA TYR A 106 -1.47 -39.17 1.67
C TYR A 106 -1.72 -40.59 2.19
N ASP A 107 -2.84 -40.75 2.90
CA ASP A 107 -3.37 -42.04 3.27
C ASP A 107 -4.32 -42.49 2.16
N GLU A 108 -3.98 -43.56 1.49
CA GLU A 108 -4.78 -44.02 0.35
C GLU A 108 -6.00 -44.84 0.73
N GLN A 109 -7.19 -44.40 0.30
CA GLN A 109 -8.39 -45.17 0.49
C GLN A 109 -8.86 -45.71 -0.84
N ASP A 110 -10.11 -46.15 -0.96
CA ASP A 110 -10.46 -46.87 -2.18
C ASP A 110 -10.74 -45.96 -3.38
N THR A 111 -11.57 -44.94 -3.19
CA THR A 111 -11.90 -44.01 -4.27
C THR A 111 -11.35 -42.62 -4.04
N TYR A 112 -10.59 -42.43 -2.96
CA TYR A 112 -10.07 -41.14 -2.56
C TYR A 112 -8.83 -41.37 -1.69
N VAL A 113 -8.10 -40.29 -1.44
CA VAL A 113 -6.98 -40.25 -0.53
C VAL A 113 -7.16 -39.10 0.42
N VAL A 114 -6.43 -39.16 1.54
CA VAL A 114 -6.54 -38.18 2.59
C VAL A 114 -5.15 -37.61 2.86
N VAL A 115 -4.98 -36.34 2.57
CA VAL A 115 -3.76 -35.65 2.99
C VAL A 115 -3.96 -35.20 4.42
N LYS A 116 -2.98 -35.45 5.28
CA LYS A 116 -3.23 -35.29 6.72
C LYS A 116 -3.55 -33.89 7.18
N HIS A 117 -3.09 -32.89 6.45
CA HIS A 117 -3.46 -31.51 6.71
C HIS A 117 -3.51 -30.82 5.35
N ALA A 118 -4.59 -30.08 5.07
CA ALA A 118 -4.65 -29.25 3.88
C ALA A 118 -3.43 -28.36 3.77
N ALA A 119 -2.93 -27.87 4.90
CA ALA A 119 -1.75 -27.01 4.87
C ALA A 119 -0.50 -27.68 4.32
N LEU A 120 -0.43 -29.00 4.38
CA LEU A 120 0.69 -29.73 3.80
C LEU A 120 0.66 -29.65 2.29
N PHE A 121 -0.51 -29.78 1.69
CA PHE A 121 -0.60 -29.59 0.24
C PHE A 121 -0.22 -28.18 -0.15
N THR A 122 -0.84 -27.23 0.55
CA THR A 122 -0.70 -25.85 0.16
C THR A 122 0.73 -25.33 0.30
N SER A 123 1.32 -25.58 1.44
CA SER A 123 2.71 -25.21 1.60
C SER A 123 3.63 -25.91 0.60
N THR A 124 3.41 -27.18 0.30
CA THR A 124 4.32 -27.92 -0.57
C THR A 124 4.23 -27.38 -1.99
N ILE A 125 3.03 -27.23 -2.50
CA ILE A 125 2.91 -26.76 -3.87
C ILE A 125 3.43 -25.32 -3.98
N MET A 126 3.15 -24.50 -2.96
CA MET A 126 3.67 -23.14 -3.02
C MET A 126 5.19 -23.06 -3.01
N SER A 127 5.82 -23.86 -2.17
CA SER A 127 7.27 -23.91 -2.13
C SER A 127 7.87 -24.27 -3.47
N LYS A 128 7.32 -25.26 -4.16
CA LYS A 128 7.86 -25.67 -5.43
C LYS A 128 7.60 -24.60 -6.52
N LEU A 129 6.41 -24.03 -6.46
CA LEU A 129 6.00 -22.99 -7.39
C LEU A 129 6.85 -21.74 -7.28
N LEU A 130 6.99 -21.23 -6.06
CA LEU A 130 7.63 -19.94 -5.84
C LEU A 130 9.13 -20.00 -6.10
N ALA A 131 9.73 -21.18 -5.99
CA ALA A 131 11.16 -21.35 -6.26
C ALA A 131 11.55 -21.07 -7.71
N ARG A 132 10.58 -21.16 -8.61
CA ARG A 132 10.85 -21.03 -10.04
C ARG A 132 11.10 -19.59 -10.44
N PRO A 133 12.05 -19.34 -11.34
CA PRO A 133 12.43 -17.97 -11.69
C PRO A 133 11.41 -17.18 -12.52
N ASN A 134 10.47 -17.88 -13.15
CA ASN A 134 9.49 -17.28 -14.03
C ASN A 134 8.16 -17.00 -13.32
N VAL A 135 8.12 -17.16 -12.00
CA VAL A 135 6.93 -16.91 -11.22
C VAL A 135 7.15 -15.78 -10.28
N LYS A 136 6.18 -14.88 -10.20
CA LYS A 136 6.22 -13.79 -9.20
C LYS A 136 4.89 -13.71 -8.47
N LEU A 137 4.94 -13.74 -7.15
CA LEU A 137 3.76 -13.57 -6.28
C LEU A 137 3.64 -12.12 -5.81
N PHE A 138 2.57 -11.45 -6.26
CA PHE A 138 2.16 -10.14 -5.81
C PHE A 138 1.01 -10.32 -4.82
N ASN A 139 1.38 -10.66 -3.58
CA ASN A 139 0.41 -10.74 -2.50
C ASN A 139 0.14 -9.39 -1.86
N ALA A 140 -0.96 -9.31 -1.14
CA ALA A 140 -1.53 -8.05 -0.65
C ALA A 140 -1.92 -7.08 -1.75
N VAL A 141 -2.17 -7.63 -2.93
CA VAL A 141 -2.58 -6.84 -4.10
C VAL A 141 -3.84 -7.48 -4.66
N ALA A 142 -4.85 -6.65 -4.82
CA ALA A 142 -6.14 -7.06 -5.45
C ALA A 142 -6.21 -6.70 -6.91
N ALA A 143 -6.87 -7.55 -7.67
CA ALA A 143 -7.41 -7.17 -8.96
C ALA A 143 -8.80 -6.57 -8.76
N GLU A 144 -8.90 -5.27 -8.98
CA GLU A 144 -10.14 -4.49 -8.76
C GLU A 144 -11.02 -4.57 -10.00
N ASP A 145 -10.42 -4.82 -11.16
CA ASP A 145 -11.14 -4.68 -12.45
C ASP A 145 -10.29 -5.37 -13.52
N LEU A 146 -10.83 -5.41 -14.73
CA LEU A 146 -10.15 -5.98 -15.89
C LEU A 146 -9.76 -4.86 -16.84
N ILE A 147 -8.76 -5.12 -17.66
CA ILE A 147 -8.49 -4.38 -18.85
C ILE A 147 -9.21 -5.09 -19.99
N VAL A 148 -10.05 -4.35 -20.69
CA VAL A 148 -10.86 -4.87 -21.78
C VAL A 148 -10.79 -3.92 -22.94
N LYS A 149 -10.27 -4.42 -24.04
CA LYS A 149 -10.14 -3.64 -25.26
C LYS A 149 -10.76 -4.45 -26.37
N GLY A 150 -11.76 -3.89 -27.04
CA GLY A 150 -12.41 -4.55 -28.15
C GLY A 150 -12.81 -5.95 -27.78
N ASN A 151 -13.66 -6.06 -26.76
CA ASN A 151 -14.14 -7.37 -26.34
C ASN A 151 -13.10 -8.48 -26.14
N ARG A 152 -11.86 -8.11 -25.83
CA ARG A 152 -10.90 -9.07 -25.31
C ARG A 152 -10.32 -8.58 -23.98
N VAL A 153 -10.22 -9.48 -23.02
CA VAL A 153 -9.58 -9.19 -21.75
C VAL A 153 -8.07 -9.13 -22.02
N GLY A 154 -7.47 -8.03 -21.61
CA GLY A 154 -6.06 -7.80 -21.83
C GLY A 154 -5.22 -7.53 -20.60
N GLY A 155 -5.71 -7.93 -19.45
CA GLY A 155 -4.97 -7.78 -18.22
C GLY A 155 -5.89 -7.38 -17.10
N VAL A 156 -5.32 -6.84 -16.03
CA VAL A 156 -6.06 -6.55 -14.81
C VAL A 156 -5.70 -5.17 -14.29
N VAL A 157 -6.66 -4.61 -13.55
CA VAL A 157 -6.52 -3.34 -12.88
C VAL A 157 -6.24 -3.68 -11.41
N THR A 158 -5.11 -3.22 -10.86
CA THR A 158 -4.61 -3.63 -9.56
C THR A 158 -4.56 -2.47 -8.56
N ASN A 159 -4.57 -2.86 -7.28
CA ASN A 159 -4.24 -1.92 -6.24
C ASN A 159 -3.80 -2.67 -5.01
N TRP A 160 -3.18 -2.00 -4.05
CA TRP A 160 -3.01 -2.69 -2.78
C TRP A 160 -4.39 -3.13 -2.27
N ALA A 161 -4.48 -4.35 -1.75
CA ALA A 161 -5.75 -4.87 -1.29
C ALA A 161 -6.44 -3.96 -0.29
N LEU A 162 -5.68 -3.39 0.64
CA LEU A 162 -6.31 -2.51 1.61
C LEU A 162 -6.89 -1.27 1.02
N VAL A 163 -6.34 -0.78 -0.09
CA VAL A 163 -6.88 0.39 -0.77
C VAL A 163 -8.16 -0.04 -1.43
N ALA A 164 -8.11 -1.19 -2.10
CA ALA A 164 -9.28 -1.68 -2.80
C ALA A 164 -10.50 -1.86 -1.86
N GLN A 165 -10.25 -2.11 -0.57
CA GLN A 165 -11.31 -2.20 0.45
C GLN A 165 -11.59 -0.93 1.29
N ASN A 166 -11.04 0.22 0.88
CA ASN A 166 -11.05 1.44 1.71
C ASN A 166 -11.32 2.71 0.89
N HIS A 167 -11.86 2.52 -0.31
CA HIS A 167 -12.22 3.64 -1.19
C HIS A 167 -13.27 4.54 -0.52
N HIS A 168 -13.97 3.98 0.48
CA HIS A 168 -15.01 4.72 1.21
C HIS A 168 -14.51 5.54 2.42
N THR A 169 -13.23 5.41 2.79
CA THR A 169 -12.71 6.05 4.00
C THR A 169 -11.63 7.11 3.72
N GLN A 170 -11.17 7.20 2.48
CA GLN A 170 -10.12 8.17 2.13
C GLN A 170 -10.48 8.88 0.81
N SER A 171 -9.77 9.96 0.54
CA SER A 171 -9.73 10.58 -0.78
C SER A 171 -9.32 9.57 -1.84
N CYS A 172 -9.69 9.82 -3.10
CA CYS A 172 -9.53 8.76 -4.06
C CYS A 172 -8.09 8.33 -4.28
N MET A 173 -7.99 7.03 -4.57
CA MET A 173 -6.74 6.32 -4.69
C MET A 173 -6.82 5.46 -5.97
N ASP A 174 -6.35 6.03 -7.08
CA ASP A 174 -6.38 5.34 -8.37
C ASP A 174 -5.64 4.02 -8.32
N PRO A 175 -6.05 3.10 -9.19
CA PRO A 175 -5.37 1.82 -9.31
C PRO A 175 -4.17 1.90 -10.25
N ASN A 176 -3.44 0.81 -10.32
CA ASN A 176 -2.45 0.54 -11.34
C ASN A 176 -3.01 -0.47 -12.35
N VAL A 177 -2.16 -0.85 -13.31
CA VAL A 177 -2.58 -1.66 -14.44
C VAL A 177 -1.48 -2.67 -14.75
N MET A 178 -1.91 -3.88 -15.11
CA MET A 178 -0.99 -4.95 -15.54
C MET A 178 -1.58 -5.58 -16.81
N GLU A 179 -0.86 -5.44 -17.91
CA GLU A 179 -1.25 -6.04 -19.17
C GLU A 179 -0.83 -7.51 -19.17
N ALA A 180 -1.65 -8.36 -19.77
CA ALA A 180 -1.40 -9.81 -19.83
C ALA A 180 -1.95 -10.36 -21.11
N LYS A 181 -1.24 -11.35 -21.66
CA LYS A 181 -1.76 -12.11 -22.78
C LYS A 181 -2.99 -12.96 -22.42
N ILE A 182 -2.92 -13.58 -21.25
CA ILE A 182 -4.02 -14.38 -20.72
C ILE A 182 -4.17 -14.16 -19.21
N VAL A 183 -5.42 -13.97 -18.79
CA VAL A 183 -5.81 -13.90 -17.40
C VAL A 183 -6.45 -15.23 -16.98
N VAL A 184 -5.97 -15.81 -15.88
CA VAL A 184 -6.62 -16.96 -15.28
C VAL A 184 -7.28 -16.51 -14.01
N SER A 185 -8.59 -16.41 -14.04
CA SER A 185 -9.35 -15.96 -12.88
C SER A 185 -9.71 -17.12 -11.97
N SER A 186 -9.23 -17.06 -10.72
CA SER A 186 -9.37 -18.15 -9.76
C SER A 186 -9.78 -17.57 -8.41
N CYS A 187 -10.85 -16.79 -8.42
CA CYS A 187 -11.19 -15.91 -7.32
C CYS A 187 -12.08 -16.55 -6.26
N GLY A 188 -12.37 -17.83 -6.44
CA GLY A 188 -13.26 -18.53 -5.54
C GLY A 188 -14.69 -18.05 -5.61
N HIS A 189 -15.49 -18.41 -4.60
CA HIS A 189 -16.80 -17.78 -4.36
C HIS A 189 -16.91 -17.02 -3.01
N ASP A 190 -15.93 -17.21 -2.12
CA ASP A 190 -16.05 -16.85 -0.70
C ASP A 190 -15.60 -15.39 -0.54
N GLY A 191 -16.20 -14.66 0.40
CA GLY A 191 -15.66 -13.37 0.79
C GLY A 191 -16.21 -12.18 -0.01
N PRO A 192 -15.76 -10.99 0.36
CA PRO A 192 -16.11 -9.77 -0.38
C PRO A 192 -15.39 -9.70 -1.73
N PHE A 193 -14.32 -10.49 -1.94
CA PHE A 193 -13.70 -10.58 -3.26
C PHE A 193 -14.13 -11.80 -4.06
N GLY A 194 -15.00 -12.61 -3.47
CA GLY A 194 -15.37 -13.85 -4.13
C GLY A 194 -15.84 -13.52 -5.54
N ALA A 195 -15.41 -14.32 -6.50
CA ALA A 195 -15.94 -14.28 -7.86
C ALA A 195 -15.74 -12.90 -8.52
N THR A 196 -14.69 -12.18 -8.13
CA THR A 196 -14.43 -10.84 -8.69
C THR A 196 -14.50 -10.82 -10.21
N GLY A 197 -13.83 -11.79 -10.83
CA GLY A 197 -13.63 -11.76 -12.27
C GLY A 197 -14.94 -11.96 -13.01
N VAL A 198 -15.72 -12.98 -12.64
CA VAL A 198 -16.99 -13.24 -13.34
C VAL A 198 -18.05 -12.18 -13.02
N LYS A 199 -18.08 -11.70 -11.79
CA LYS A 199 -18.97 -10.59 -11.48
C LYS A 199 -18.67 -9.34 -12.32
N ARG A 200 -17.40 -9.07 -12.55
CA ARG A 200 -17.07 -7.96 -13.45
C ARG A 200 -17.42 -8.20 -14.92
N LEU A 201 -17.14 -9.39 -15.43
CA LEU A 201 -17.64 -9.72 -16.78
C LEU A 201 -19.13 -9.43 -16.90
N LYS A 202 -19.90 -9.73 -15.86
CA LYS A 202 -21.33 -9.52 -15.95
C LYS A 202 -21.59 -8.02 -15.92
N SER A 203 -20.94 -7.27 -15.02
CA SER A 203 -21.32 -5.87 -14.88
C SER A 203 -20.93 -5.05 -16.11
N ILE A 204 -20.00 -5.53 -16.92
CA ILE A 204 -19.61 -4.80 -18.14
C ILE A 204 -20.26 -5.37 -19.39
N GLY A 205 -21.12 -6.37 -19.21
CA GLY A 205 -21.93 -6.88 -20.29
C GLY A 205 -21.23 -7.89 -21.18
N MET A 206 -20.09 -8.41 -20.73
CA MET A 206 -19.38 -9.39 -21.56
C MET A 206 -19.91 -10.80 -21.42
N ILE A 207 -20.52 -11.09 -20.26
CA ILE A 207 -21.35 -12.27 -20.10
C ILE A 207 -22.67 -11.80 -19.54
N ASP A 208 -23.65 -12.70 -19.54
CA ASP A 208 -25.01 -12.24 -19.40
C ASP A 208 -25.62 -12.59 -18.06
N HIS A 209 -25.12 -13.65 -17.42
CA HIS A 209 -25.67 -14.16 -16.18
C HIS A 209 -24.57 -14.72 -15.28
N VAL A 210 -24.74 -14.50 -13.97
CA VAL A 210 -23.94 -15.17 -12.96
C VAL A 210 -24.93 -15.67 -11.91
N PRO A 211 -25.48 -16.85 -12.17
CA PRO A 211 -26.53 -17.41 -11.31
C PRO A 211 -26.03 -17.70 -9.89
N GLY A 212 -24.74 -17.98 -9.74
CA GLY A 212 -24.18 -18.38 -8.46
C GLY A 212 -24.24 -19.89 -8.27
N MET A 213 -23.35 -20.38 -7.41
CA MET A 213 -23.21 -21.83 -7.18
C MET A 213 -24.51 -22.40 -6.65
N LYS A 214 -24.78 -23.65 -7.02
CA LYS A 214 -25.96 -24.32 -6.52
C LYS A 214 -25.61 -25.08 -5.25
N ALA A 215 -26.59 -25.81 -4.77
CA ALA A 215 -26.45 -26.53 -3.51
C ALA A 215 -25.47 -27.69 -3.70
N LEU A 216 -25.10 -28.32 -2.59
CA LEU A 216 -23.98 -29.24 -2.61
C LEU A 216 -24.36 -30.61 -3.18
N ASP A 217 -23.48 -31.13 -4.03
CA ASP A 217 -23.60 -32.47 -4.58
C ASP A 217 -22.23 -32.83 -5.13
N MET A 218 -21.42 -33.53 -4.35
CA MET A 218 -20.01 -33.73 -4.69
C MET A 218 -19.81 -34.48 -6.00
N ASN A 219 -20.63 -35.49 -6.23
CA ASN A 219 -20.47 -36.33 -7.41
C ASN A 219 -20.76 -35.58 -8.70
N THR A 220 -21.76 -34.73 -8.69
CA THR A 220 -22.04 -33.89 -9.85
C THR A 220 -21.01 -32.77 -9.95
N ALA A 221 -20.70 -32.14 -8.81
CA ALA A 221 -19.97 -30.87 -8.85
C ALA A 221 -18.57 -31.04 -9.37
N GLU A 222 -17.82 -32.05 -8.90
CA GLU A 222 -16.38 -32.03 -9.19
C GLU A 222 -16.15 -32.30 -10.68
N ASP A 223 -16.89 -33.23 -11.26
CA ASP A 223 -16.78 -33.48 -12.70
C ASP A 223 -17.19 -32.23 -13.47
N ALA A 224 -18.26 -31.58 -13.04
CA ALA A 224 -18.78 -30.42 -13.76
C ALA A 224 -17.77 -29.29 -13.76
N ILE A 225 -17.14 -29.04 -12.60
CA ILE A 225 -16.22 -27.91 -12.48
C ILE A 225 -15.06 -28.10 -13.43
N VAL A 226 -14.52 -29.31 -13.51
CA VAL A 226 -13.43 -29.58 -14.46
C VAL A 226 -13.90 -29.40 -15.89
N ARG A 227 -15.06 -29.97 -16.23
CA ARG A 227 -15.57 -29.86 -17.58
C ARG A 227 -15.77 -28.42 -18.04
N LEU A 228 -16.27 -27.59 -17.13
CA LEU A 228 -16.67 -26.23 -17.44
C LEU A 228 -15.52 -25.25 -17.40
N THR A 229 -14.38 -25.66 -16.84
CA THR A 229 -13.21 -24.78 -16.86
C THR A 229 -12.84 -24.53 -18.32
N ARG A 230 -12.67 -23.27 -18.68
CA ARG A 230 -12.51 -22.85 -20.06
C ARG A 230 -12.11 -21.39 -20.13
N GLU A 231 -11.70 -21.00 -21.33
CA GLU A 231 -11.60 -19.59 -21.72
C GLU A 231 -12.98 -19.06 -21.98
N VAL A 232 -13.49 -18.32 -21.00
CA VAL A 232 -14.88 -17.92 -20.97
C VAL A 232 -15.18 -16.80 -21.96
N VAL A 233 -14.26 -15.84 -22.07
CA VAL A 233 -14.27 -14.83 -23.09
C VAL A 233 -12.86 -14.72 -23.61
N PRO A 234 -12.62 -14.08 -24.76
CA PRO A 234 -11.24 -14.02 -25.24
C PRO A 234 -10.33 -13.36 -24.21
N GLY A 235 -9.25 -14.05 -23.86
CA GLY A 235 -8.25 -13.55 -22.95
C GLY A 235 -8.49 -13.88 -21.49
N MET A 236 -9.58 -14.57 -21.15
CA MET A 236 -9.81 -14.88 -19.74
C MET A 236 -10.33 -16.30 -19.52
N ILE A 237 -9.54 -17.10 -18.82
CA ILE A 237 -9.90 -18.44 -18.32
C ILE A 237 -10.44 -18.31 -16.92
N VAL A 238 -11.50 -19.06 -16.62
CA VAL A 238 -11.99 -19.16 -15.25
C VAL A 238 -11.81 -20.57 -14.73
N THR A 239 -11.37 -20.68 -13.48
CA THR A 239 -11.02 -21.96 -12.90
C THR A 239 -11.46 -21.98 -11.43
N GLY A 240 -11.56 -23.17 -10.88
CA GLY A 240 -11.95 -23.29 -9.48
C GLY A 240 -13.42 -23.02 -9.19
N MET A 241 -13.69 -22.64 -7.93
CA MET A 241 -15.07 -22.38 -7.53
C MET A 241 -15.72 -21.20 -8.26
N GLU A 242 -14.92 -20.30 -8.84
CA GLU A 242 -15.48 -19.23 -9.64
C GLU A 242 -16.24 -19.76 -10.86
N VAL A 243 -15.81 -20.90 -11.41
CA VAL A 243 -16.56 -21.63 -12.43
C VAL A 243 -17.99 -21.93 -11.99
N ALA A 244 -18.17 -22.36 -10.74
CA ALA A 244 -19.49 -22.72 -10.30
C ALA A 244 -20.40 -21.50 -10.20
N GLU A 245 -19.81 -20.35 -9.89
CA GLU A 245 -20.56 -19.10 -9.83
C GLU A 245 -21.11 -18.67 -11.18
N ILE A 246 -20.24 -18.68 -12.19
CA ILE A 246 -20.66 -18.26 -13.51
C ILE A 246 -21.64 -19.22 -14.16
N ASP A 247 -21.47 -20.52 -13.94
CA ASP A 247 -22.27 -21.52 -14.61
C ASP A 247 -23.42 -22.07 -13.80
N GLY A 248 -23.47 -21.75 -12.51
CA GLY A 248 -24.53 -22.30 -11.69
C GLY A 248 -24.34 -23.77 -11.45
N ALA A 249 -23.11 -24.20 -11.27
CA ALA A 249 -22.83 -25.59 -10.94
C ALA A 249 -22.97 -25.80 -9.44
N PRO A 250 -23.24 -27.03 -9.03
CA PRO A 250 -23.27 -27.34 -7.60
C PRO A 250 -21.94 -27.13 -6.95
N ARG A 251 -22.01 -26.86 -5.65
CA ARG A 251 -20.76 -26.82 -4.92
C ARG A 251 -20.39 -28.22 -4.40
N MET A 252 -19.12 -28.35 -3.99
CA MET A 252 -18.65 -29.63 -3.48
C MET A 252 -18.21 -29.61 -2.03
N GLY A 253 -18.04 -28.45 -1.43
CA GLY A 253 -17.72 -28.44 0.00
C GLY A 253 -16.31 -28.95 0.21
N PRO A 254 -16.10 -29.70 1.29
CA PRO A 254 -14.76 -29.95 1.79
C PRO A 254 -14.01 -31.06 1.08
N THR A 255 -13.86 -30.93 -0.23
CA THR A 255 -13.06 -31.85 -0.99
C THR A 255 -12.34 -31.08 -2.07
N PHE A 256 -11.17 -31.53 -2.50
CA PHE A 256 -10.22 -30.61 -3.14
C PHE A 256 -9.76 -31.06 -4.53
N GLY A 257 -10.09 -32.27 -4.95
CA GLY A 257 -9.65 -32.77 -6.26
C GLY A 257 -10.03 -31.87 -7.43
N ALA A 258 -11.27 -31.41 -7.49
CA ALA A 258 -11.69 -30.56 -8.60
C ALA A 258 -10.92 -29.27 -8.64
N MET A 259 -10.56 -28.72 -7.50
CA MET A 259 -9.80 -27.48 -7.56
C MET A 259 -8.42 -27.70 -8.22
N MET A 260 -7.75 -28.77 -7.82
CA MET A 260 -6.45 -29.16 -8.34
C MET A 260 -6.55 -29.43 -9.85
N ILE A 261 -7.53 -30.24 -10.26
CA ILE A 261 -7.66 -30.64 -11.65
C ILE A 261 -8.16 -29.50 -12.55
N SER A 262 -9.11 -28.73 -12.04
CA SER A 262 -9.58 -27.53 -12.73
C SER A 262 -8.38 -26.60 -12.98
N GLY A 263 -7.57 -26.40 -11.95
CA GLY A 263 -6.45 -25.49 -12.07
C GLY A 263 -5.44 -26.04 -13.06
N GLN A 264 -5.16 -27.34 -13.01
CA GLN A 264 -4.27 -27.93 -13.99
C GLN A 264 -4.79 -27.75 -15.44
N LYS A 265 -6.07 -28.00 -15.65
CA LYS A 265 -6.68 -27.80 -16.95
C LYS A 265 -6.57 -26.34 -17.39
N ALA A 266 -6.83 -25.41 -16.47
CA ALA A 266 -6.73 -23.99 -16.78
C ALA A 266 -5.33 -23.62 -17.20
N GLY A 267 -4.35 -24.21 -16.54
CA GLY A 267 -2.98 -24.00 -16.94
C GLY A 267 -2.66 -24.45 -18.34
N GLN A 268 -3.13 -25.63 -18.68
CA GLN A 268 -2.95 -26.15 -20.03
C GLN A 268 -3.72 -25.35 -21.09
N LEU A 269 -4.91 -24.85 -20.72
CA LEU A 269 -5.63 -23.91 -21.58
C LEU A 269 -4.86 -22.58 -21.80
N ALA A 270 -4.15 -22.13 -20.79
CA ALA A 270 -3.39 -20.90 -20.89
C ALA A 270 -2.22 -21.15 -21.84
N LEU A 271 -1.58 -22.32 -21.71
CA LEU A 271 -0.46 -22.61 -22.60
C LEU A 271 -0.95 -22.67 -24.03
N LYS A 272 -2.11 -23.26 -24.23
CA LYS A 272 -2.69 -23.34 -25.55
C LYS A 272 -2.95 -21.93 -26.10
N ALA A 273 -3.47 -21.05 -25.25
CA ALA A 273 -3.85 -19.69 -25.65
C ALA A 273 -2.61 -18.91 -26.06
N LEU A 274 -1.47 -19.28 -25.48
CA LEU A 274 -0.20 -18.66 -25.80
C LEU A 274 0.47 -19.26 -27.03
N GLY A 275 -0.15 -20.29 -27.62
CA GLY A 275 0.39 -20.95 -28.80
C GLY A 275 1.51 -21.92 -28.48
N LEU A 276 1.48 -22.48 -27.27
CA LEU A 276 2.57 -23.35 -26.83
C LEU A 276 2.08 -24.80 -26.71
N PRO A 277 3.02 -25.76 -26.68
CA PRO A 277 2.63 -27.17 -26.54
C PRO A 277 1.78 -27.32 -25.29
N ASN A 278 0.75 -28.15 -25.42
CA ASN A 278 -0.21 -28.27 -24.32
C ASN A 278 -1.02 -29.55 -24.38
N ALA A 279 -1.60 -29.92 -23.24
CA ALA A 279 -2.39 -31.15 -23.11
C ALA A 279 -3.80 -31.08 -23.68
N ILE A 280 -4.28 -29.88 -23.99
CA ILE A 280 -5.63 -29.76 -24.52
C ILE A 280 -5.65 -30.27 -25.96
N ASP A 281 -4.59 -29.89 -26.72
CA ASP A 281 -4.28 -30.21 -28.12
C ASP A 281 -3.68 -31.58 -28.31
N GLY A 282 -3.12 -32.11 -27.22
CA GLY A 282 -2.28 -33.29 -27.27
C GLY A 282 -0.89 -33.02 -27.83
N THR A 283 -0.45 -31.77 -27.84
CA THR A 283 0.90 -31.47 -28.30
C THR A 283 2.01 -31.49 -27.26
N LEU A 284 1.69 -31.68 -25.98
CA LEU A 284 2.69 -31.43 -24.93
C LEU A 284 3.72 -32.56 -24.88
N TYR B 7 -5.69 23.03 -29.31
CA TYR B 7 -6.62 21.89 -29.56
C TYR B 7 -8.07 22.37 -29.62
N ASP B 8 -8.96 21.51 -30.11
CA ASP B 8 -10.38 21.83 -30.30
C ASP B 8 -11.24 21.01 -29.31
N LEU B 9 -11.88 21.69 -28.37
CA LEU B 9 -12.67 21.02 -27.34
C LEU B 9 -13.90 20.33 -27.95
N ASN B 10 -14.28 20.72 -29.17
CA ASN B 10 -15.38 20.08 -29.89
C ASN B 10 -15.05 18.82 -30.66
N ALA B 11 -13.76 18.53 -30.83
CA ALA B 11 -13.31 17.42 -31.66
C ALA B 11 -11.93 17.07 -31.14
N PHE B 12 -11.90 16.39 -30.01
CA PHE B 12 -10.69 16.28 -29.20
C PHE B 12 -10.14 14.86 -29.25
N THR B 13 -8.85 14.71 -29.58
CA THR B 13 -8.21 13.42 -29.59
C THR B 13 -6.91 13.48 -28.80
N PHE B 14 -6.77 12.61 -27.82
CA PHE B 14 -5.49 12.41 -27.15
C PHE B 14 -4.53 11.57 -27.99
N ASP B 15 -3.25 11.89 -27.85
CA ASP B 15 -2.23 11.05 -28.43
C ASP B 15 -2.36 9.66 -27.81
N PRO B 16 -1.90 8.65 -28.52
CA PRO B 16 -2.00 7.25 -28.08
C PRO B 16 -1.19 6.96 -26.83
N ILE B 17 -1.61 5.94 -26.09
CA ILE B 17 -0.91 5.50 -24.89
C ILE B 17 -1.02 3.97 -24.82
N LYS B 18 -0.24 3.37 -23.92
CA LYS B 18 -0.41 1.97 -23.55
C LYS B 18 -0.47 1.91 -22.04
N GLU B 19 -1.33 1.04 -21.54
CA GLU B 19 -1.43 0.90 -20.10
C GLU B 19 -0.09 0.59 -19.41
N SER B 20 0.70 -0.34 -19.96
CA SER B 20 1.99 -0.69 -19.43
C SER B 20 2.92 0.51 -19.28
N ILE B 21 2.84 1.49 -20.19
CA ILE B 21 3.70 2.68 -20.08
C ILE B 21 3.39 3.47 -18.83
N VAL B 22 2.09 3.61 -18.57
CA VAL B 22 1.63 4.35 -17.40
C VAL B 22 2.09 3.67 -16.12
N SER B 23 1.83 2.37 -16.02
CA SER B 23 2.39 1.63 -14.90
C SER B 23 3.88 1.78 -14.69
N ARG B 24 4.67 1.52 -15.73
CA ARG B 24 6.09 1.61 -15.59
C ARG B 24 6.60 2.98 -15.25
N GLU B 25 5.99 4.01 -15.81
CA GLU B 25 6.35 5.38 -15.46
C GLU B 25 6.19 5.64 -13.95
N MET B 26 5.01 5.28 -13.45
CA MET B 26 4.72 5.59 -12.04
C MET B 26 5.61 4.77 -11.12
N THR B 27 5.82 3.48 -11.47
CA THR B 27 6.64 2.58 -10.67
C THR B 27 8.11 3.02 -10.64
N ARG B 28 8.67 3.28 -11.82
CA ARG B 28 10.07 3.61 -11.89
C ARG B 28 10.36 4.89 -11.11
N ARG B 29 9.47 5.87 -11.25
CA ARG B 29 9.67 7.12 -10.55
C ARG B 29 9.51 7.00 -9.04
N TYR B 30 8.50 6.26 -8.60
CA TYR B 30 8.25 6.21 -7.15
C TYR B 30 9.35 5.43 -6.48
N MET B 31 9.73 4.33 -7.11
CA MET B 31 10.72 3.48 -6.47
C MET B 31 12.08 4.12 -6.49
N THR B 32 12.40 4.88 -7.55
CA THR B 32 13.56 5.74 -7.53
C THR B 32 13.57 6.76 -6.39
N ASP B 33 12.43 7.43 -6.16
CA ASP B 33 12.29 8.35 -5.02
C ASP B 33 12.49 7.64 -3.69
N MET B 34 11.84 6.49 -3.50
CA MET B 34 12.08 5.75 -2.26
C MET B 34 13.56 5.42 -2.05
N ILE B 35 14.26 4.99 -3.10
CA ILE B 35 15.70 4.72 -2.94
C ILE B 35 16.48 5.99 -2.56
N THR B 36 16.19 7.10 -3.25
CA THR B 36 16.82 8.37 -2.93
C THR B 36 16.66 8.79 -1.48
N TYR B 37 15.46 8.65 -0.97
CA TYR B 37 15.11 9.21 0.33
C TYR B 37 15.23 8.21 1.49
N ALA B 38 15.67 6.99 1.22
CA ALA B 38 15.80 5.98 2.28
C ALA B 38 16.87 6.37 3.28
N GLU B 39 17.84 7.16 2.84
CA GLU B 39 18.78 7.83 3.74
C GLU B 39 18.74 9.29 3.28
N THR B 40 18.28 10.19 4.14
CA THR B 40 18.06 11.55 3.71
C THR B 40 18.46 12.55 4.79
N ASP B 41 18.37 13.84 4.49
CA ASP B 41 18.81 14.85 5.45
C ASP B 41 17.70 15.08 6.48
N VAL B 42 16.52 15.45 6.03
CA VAL B 42 15.41 15.77 6.93
C VAL B 42 14.18 14.98 6.51
N VAL B 43 13.51 14.36 7.48
CA VAL B 43 12.16 13.86 7.29
C VAL B 43 11.21 14.71 8.13
N VAL B 44 10.23 15.32 7.50
CA VAL B 44 9.12 15.99 8.18
C VAL B 44 7.94 15.05 8.25
N VAL B 45 7.47 14.76 9.47
CA VAL B 45 6.31 13.89 9.65
C VAL B 45 5.11 14.78 9.90
N GLY B 46 4.18 14.78 8.94
CA GLY B 46 2.95 15.54 9.05
C GLY B 46 3.01 16.71 8.10
N ALA B 47 2.03 16.80 7.19
CA ALA B 47 1.93 17.92 6.24
C ALA B 47 0.75 18.84 6.54
N GLY B 48 0.59 19.17 7.82
CA GLY B 48 -0.33 20.23 8.21
C GLY B 48 0.33 21.58 8.07
N SER B 49 -0.30 22.61 8.63
CA SER B 49 0.29 23.93 8.50
C SER B 49 1.70 24.03 9.09
N ALA B 50 1.96 23.37 10.21
CA ALA B 50 3.27 23.48 10.81
C ALA B 50 4.31 22.72 10.00
N GLY B 51 3.99 21.49 9.60
CA GLY B 51 4.91 20.70 8.81
C GLY B 51 5.21 21.27 7.42
N LEU B 52 4.18 21.75 6.73
CA LEU B 52 4.41 22.43 5.47
C LEU B 52 5.29 23.68 5.61
N SER B 53 5.03 24.46 6.67
CA SER B 53 5.85 25.63 6.95
C SER B 53 7.32 25.25 7.22
N ALA B 54 7.53 24.18 7.98
CA ALA B 54 8.88 23.70 8.28
C ALA B 54 9.56 23.24 6.99
N ALA B 55 8.86 22.45 6.18
CA ALA B 55 9.48 21.93 4.95
C ALA B 55 9.78 23.05 3.96
N TYR B 56 8.88 24.04 3.93
CA TYR B 56 9.05 25.21 3.10
C TYR B 56 10.29 25.98 3.52
N GLU B 57 10.45 26.20 4.83
CA GLU B 57 11.59 26.91 5.34
C GLU B 57 12.93 26.21 5.09
N ILE B 58 13.00 24.92 5.38
CA ILE B 58 14.22 24.15 5.16
C ILE B 58 14.63 24.13 3.71
N SER B 59 13.66 23.86 2.84
CA SER B 59 13.97 23.60 1.43
C SER B 59 14.34 24.86 0.66
N LYS B 60 14.20 26.06 1.24
CA LYS B 60 14.91 27.23 0.74
C LYS B 60 16.41 27.03 0.57
N ASN B 61 17.01 26.12 1.33
CA ASN B 61 18.37 25.70 1.08
C ASN B 61 18.30 24.53 0.09
N PRO B 62 18.84 24.72 -1.11
CA PRO B 62 19.02 23.59 -2.05
C PRO B 62 19.97 22.47 -1.66
N ASN B 63 20.83 22.67 -0.68
CA ASN B 63 21.75 21.59 -0.38
C ASN B 63 20.95 20.49 0.31
N VAL B 64 19.71 20.77 0.76
CA VAL B 64 19.08 19.95 1.77
C VAL B 64 17.92 19.13 1.22
N GLN B 65 18.03 17.81 1.37
CA GLN B 65 16.98 16.88 0.91
C GLN B 65 15.93 16.70 1.98
N VAL B 66 14.68 16.91 1.59
CA VAL B 66 13.58 16.94 2.54
C VAL B 66 12.48 15.99 2.06
N ALA B 67 12.20 14.96 2.86
CA ALA B 67 11.07 14.05 2.66
C ALA B 67 9.96 14.45 3.60
N ILE B 68 8.75 14.54 3.08
CA ILE B 68 7.55 14.79 3.88
C ILE B 68 6.72 13.53 3.90
N ILE B 69 6.45 13.03 5.09
CA ILE B 69 5.66 11.83 5.30
C ILE B 69 4.29 12.29 5.78
N GLU B 70 3.22 11.92 5.08
CA GLU B 70 1.86 12.34 5.44
C GLU B 70 0.93 11.11 5.32
N GLN B 71 0.30 10.72 6.42
CA GLN B 71 -0.50 9.52 6.47
C GLN B 71 -1.79 9.66 5.61
N SER B 72 -2.39 10.85 5.61
CA SER B 72 -3.57 11.06 4.77
C SER B 72 -3.23 11.05 3.29
N VAL B 73 -4.21 10.71 2.46
CA VAL B 73 -4.03 10.90 1.04
C VAL B 73 -3.84 12.37 0.69
N SER B 74 -4.71 13.21 1.27
CA SER B 74 -4.60 14.64 1.12
C SER B 74 -3.63 15.18 2.15
N PRO B 75 -2.65 15.98 1.71
CA PRO B 75 -1.88 16.82 2.62
C PRO B 75 -2.74 18.00 3.11
N GLY B 76 -2.21 18.76 4.05
CA GLY B 76 -2.84 19.98 4.55
C GLY B 76 -3.32 19.91 5.98
N GLY B 77 -3.54 18.72 6.54
CA GLY B 77 -3.92 18.66 7.95
C GLY B 77 -5.21 19.40 8.24
N GLY B 78 -5.19 20.13 9.34
CA GLY B 78 -6.30 20.96 9.79
C GLY B 78 -6.36 22.31 9.11
N ALA B 79 -5.62 22.52 8.02
CA ALA B 79 -5.58 23.85 7.38
C ALA B 79 -6.38 24.02 6.09
N TRP B 80 -7.42 23.22 5.96
CA TRP B 80 -8.40 23.40 4.89
C TRP B 80 -9.60 24.22 5.28
N LEU B 81 -9.72 24.51 6.56
CA LEU B 81 -10.87 25.24 7.14
C LEU B 81 -10.39 26.10 8.26
N GLY B 82 -11.20 27.11 8.57
CA GLY B 82 -11.17 27.77 9.88
C GLY B 82 -11.92 26.91 10.87
N GLY B 83 -12.69 27.56 11.71
CA GLY B 83 -13.41 26.93 12.82
C GLY B 83 -14.84 26.67 12.45
N GLN B 84 -15.44 25.61 13.03
CA GLN B 84 -16.84 25.30 12.84
C GLN B 84 -17.22 25.13 11.34
N LEU B 85 -16.24 24.65 10.57
CA LEU B 85 -16.37 24.37 9.16
C LEU B 85 -16.50 25.65 8.33
N PHE B 86 -16.22 26.77 8.97
CA PHE B 86 -16.09 28.05 8.26
C PHE B 86 -14.75 28.16 7.57
N SER B 87 -14.57 29.18 6.73
CA SER B 87 -13.46 29.23 5.78
C SER B 87 -12.29 30.12 6.20
N ALA B 88 -12.55 31.21 6.92
CA ALA B 88 -11.57 32.27 7.09
C ALA B 88 -10.45 31.83 8.03
N MET B 89 -9.22 32.13 7.64
CA MET B 89 -8.00 31.78 8.37
C MET B 89 -7.41 33.05 9.01
N ILE B 90 -7.48 33.12 10.32
CA ILE B 90 -6.92 34.24 11.10
C ILE B 90 -5.46 33.96 11.40
N VAL B 91 -4.62 34.93 11.02
CA VAL B 91 -3.19 34.87 11.26
C VAL B 91 -2.76 36.11 12.02
N ARG B 92 -2.31 35.97 13.26
CA ARG B 92 -1.91 37.14 14.02
C ARG B 92 -0.57 37.71 13.54
N LYS B 93 -0.47 39.01 13.58
CA LYS B 93 0.77 39.68 13.24
C LYS B 93 1.82 39.33 14.30
N PRO B 94 3.11 39.23 13.98
CA PRO B 94 3.65 39.54 12.65
C PRO B 94 3.79 38.38 11.68
N ALA B 95 3.01 37.32 11.86
CA ALA B 95 3.11 36.19 10.92
C ALA B 95 2.58 36.51 9.52
N HIS B 96 1.90 37.65 9.34
CA HIS B 96 1.47 38.06 7.99
C HIS B 96 2.69 38.29 7.09
N LEU B 97 3.85 38.54 7.68
CA LEU B 97 5.07 38.69 6.87
C LEU B 97 5.48 37.37 6.21
N PHE B 98 5.15 36.24 6.84
CA PHE B 98 5.40 34.93 6.26
C PHE B 98 4.44 34.74 5.08
N LEU B 99 3.19 35.13 5.24
CA LEU B 99 2.24 35.10 4.13
C LEU B 99 2.71 35.93 2.95
N ASP B 100 3.27 37.11 3.21
CA ASP B 100 3.83 37.98 2.17
C ASP B 100 4.89 37.24 1.38
N GLU B 101 5.75 36.52 2.10
CA GLU B 101 6.87 35.85 1.47
C GLU B 101 6.36 34.73 0.57
N ILE B 102 5.35 33.99 1.01
CA ILE B 102 4.83 32.86 0.22
C ILE B 102 3.92 33.35 -0.90
N GLY B 103 3.39 34.57 -0.80
CA GLY B 103 2.51 35.08 -1.82
C GLY B 103 1.05 34.78 -1.56
N VAL B 104 0.65 34.84 -0.29
CA VAL B 104 -0.76 34.61 0.05
C VAL B 104 -1.37 35.96 0.44
N ALA B 105 -2.40 36.38 -0.29
CA ALA B 105 -3.10 37.63 0.02
C ALA B 105 -3.95 37.49 1.27
N TYR B 106 -4.25 38.63 1.86
CA TYR B 106 -5.07 38.68 3.08
C TYR B 106 -5.76 40.03 3.19
N ASP B 107 -6.75 40.07 4.08
CA ASP B 107 -7.47 41.27 4.46
C ASP B 107 -6.92 41.70 5.80
N GLU B 108 -6.23 42.83 5.83
CA GLU B 108 -5.49 43.25 7.03
C GLU B 108 -6.38 43.91 8.07
N GLN B 109 -6.19 43.49 9.31
CA GLN B 109 -6.75 44.14 10.49
C GLN B 109 -5.65 44.63 11.43
N ASP B 110 -5.98 45.03 12.66
CA ASP B 110 -4.98 45.72 13.44
C ASP B 110 -3.90 44.82 14.02
N THR B 111 -4.31 43.72 14.64
CA THR B 111 -3.35 42.79 15.24
C THR B 111 -3.26 41.46 14.54
N TYR B 112 -3.95 41.32 13.42
CA TYR B 112 -4.09 40.08 12.69
C TYR B 112 -4.52 40.39 11.26
N VAL B 113 -4.41 39.36 10.42
CA VAL B 113 -4.97 39.41 9.07
C VAL B 113 -5.84 38.21 8.81
N VAL B 114 -6.66 38.33 7.76
CA VAL B 114 -7.60 37.27 7.45
C VAL B 114 -7.34 36.77 6.06
N VAL B 115 -6.90 35.50 5.93
CA VAL B 115 -6.84 34.88 4.61
C VAL B 115 -8.24 34.39 4.28
N LYS B 116 -8.70 34.68 3.08
CA LYS B 116 -10.09 34.42 2.77
C LYS B 116 -10.55 32.98 2.85
N HIS B 117 -9.65 32.06 2.59
CA HIS B 117 -9.94 30.66 2.81
C HIS B 117 -8.64 30.03 3.27
N ALA B 118 -8.71 29.24 4.34
CA ALA B 118 -7.57 28.48 4.77
C ALA B 118 -6.98 27.72 3.57
N ALA B 119 -7.83 27.21 2.69
CA ALA B 119 -7.35 26.45 1.51
C ALA B 119 -6.46 27.25 0.59
N LEU B 120 -6.57 28.56 0.61
CA LEU B 120 -5.71 29.40 -0.19
C LEU B 120 -4.28 29.40 0.37
N PHE B 121 -4.10 29.49 1.67
CA PHE B 121 -2.79 29.31 2.26
C PHE B 121 -2.19 27.96 1.91
N THR B 122 -2.95 26.94 2.21
CA THR B 122 -2.41 25.59 2.14
C THR B 122 -2.05 25.23 0.71
N SER B 123 -2.93 25.49 -0.24
CA SER B 123 -2.60 25.20 -1.64
C SER B 123 -1.40 26.02 -2.11
N THR B 124 -1.33 27.29 -1.75
CA THR B 124 -0.27 28.15 -2.20
C THR B 124 1.08 27.67 -1.68
N ILE B 125 1.18 27.44 -0.38
CA ILE B 125 2.47 27.03 0.15
C ILE B 125 2.85 25.65 -0.40
N MET B 126 1.87 24.76 -0.55
CA MET B 126 2.17 23.45 -1.13
C MET B 126 2.67 23.55 -2.55
N SER B 127 2.06 24.41 -3.36
CA SER B 127 2.46 24.55 -4.74
C SER B 127 3.91 25.02 -4.84
N LYS B 128 4.31 25.99 -4.01
CA LYS B 128 5.68 26.47 -4.04
C LYS B 128 6.67 25.43 -3.52
N LEU B 129 6.29 24.77 -2.45
CA LEU B 129 7.11 23.75 -1.83
C LEU B 129 7.39 22.56 -2.74
N LEU B 130 6.33 22.03 -3.35
CA LEU B 130 6.41 20.78 -4.09
C LEU B 130 7.15 20.95 -5.42
N ALA B 131 7.18 22.18 -5.93
CA ALA B 131 7.91 22.42 -7.17
C ALA B 131 9.42 22.26 -7.02
N ARG B 132 9.92 22.32 -5.78
CA ARG B 132 11.35 22.31 -5.53
C ARG B 132 11.96 20.92 -5.75
N PRO B 133 13.14 20.84 -6.35
CA PRO B 133 13.73 19.54 -6.67
C PRO B 133 14.22 18.69 -5.52
N ASN B 134 14.45 19.37 -4.40
CA ASN B 134 14.94 18.74 -3.19
C ASN B 134 13.85 18.27 -2.23
N VAL B 135 12.58 18.38 -2.63
CA VAL B 135 11.47 18.02 -1.77
C VAL B 135 10.71 16.86 -2.37
N LYS B 136 10.31 15.92 -1.51
CA LYS B 136 9.51 14.76 -1.93
C LYS B 136 8.38 14.55 -0.93
N LEU B 137 7.16 14.52 -1.44
CA LEU B 137 5.98 14.19 -0.64
C LEU B 137 5.60 12.72 -0.76
N PHE B 138 5.73 12.00 0.35
CA PHE B 138 5.26 10.63 0.47
C PHE B 138 3.94 10.66 1.26
N ASN B 139 2.86 10.91 0.53
CA ASN B 139 1.52 10.92 1.13
C ASN B 139 0.94 9.50 1.09
N ALA B 140 -0.12 9.27 1.84
CA ALA B 140 -0.65 7.94 2.13
C ALA B 140 0.35 7.02 2.79
N VAL B 141 1.33 7.59 3.47
CA VAL B 141 2.39 6.89 4.18
C VAL B 141 2.46 7.43 5.61
N ALA B 142 2.38 6.52 6.55
CA ALA B 142 2.47 6.86 7.96
C ALA B 142 3.85 6.58 8.51
N ALA B 143 4.27 7.43 9.43
CA ALA B 143 5.37 7.09 10.34
C ALA B 143 4.79 6.38 11.56
N GLU B 144 5.06 5.10 11.66
CA GLU B 144 4.52 4.22 12.71
C GLU B 144 5.39 4.30 13.96
N ASP B 145 6.68 4.62 13.78
CA ASP B 145 7.64 4.55 14.88
C ASP B 145 8.88 5.37 14.47
N LEU B 146 9.82 5.48 15.39
CA LEU B 146 11.11 6.15 15.18
C LEU B 146 12.22 5.11 15.04
N ILE B 147 13.31 5.53 14.41
CA ILE B 147 14.57 4.84 14.50
C ILE B 147 15.32 5.53 15.61
N VAL B 148 15.73 4.77 16.60
CA VAL B 148 16.48 5.33 17.75
C VAL B 148 17.69 4.46 17.96
N LYS B 149 18.88 5.07 17.90
CA LYS B 149 20.09 4.34 18.19
C LYS B 149 20.80 5.10 19.29
N GLY B 150 21.04 4.39 20.40
CA GLY B 150 21.55 5.00 21.61
C GLY B 150 20.59 6.08 22.08
N ASN B 151 21.12 7.29 22.15
CA ASN B 151 20.37 8.37 22.72
C ASN B 151 19.81 9.23 21.58
N ARG B 152 19.79 8.75 20.33
CA ARG B 152 19.50 9.67 19.23
C ARG B 152 18.50 9.12 18.20
N VAL B 153 17.56 9.97 17.83
CA VAL B 153 16.62 9.70 16.74
C VAL B 153 17.37 9.83 15.42
N GLY B 154 17.23 8.78 14.59
CA GLY B 154 17.94 8.64 13.33
C GLY B 154 17.06 8.34 12.14
N GLY B 155 15.77 8.65 12.25
CA GLY B 155 14.84 8.48 11.16
C GLY B 155 13.54 7.92 11.66
N VAL B 156 12.81 7.29 10.74
CA VAL B 156 11.40 6.90 10.98
C VAL B 156 11.16 5.52 10.41
N VAL B 157 10.14 4.88 10.96
CA VAL B 157 9.67 3.57 10.52
C VAL B 157 8.33 3.84 9.83
N THR B 158 8.19 3.40 8.59
CA THR B 158 7.13 3.84 7.71
C THR B 158 6.30 2.68 7.22
N ASN B 159 5.07 2.98 6.83
CA ASN B 159 4.28 1.98 6.14
C ASN B 159 3.19 2.71 5.37
N TRP B 160 2.55 2.04 4.43
CA TRP B 160 1.32 2.62 3.93
C TRP B 160 0.36 2.91 5.05
N ALA B 161 -0.27 4.08 5.03
CA ALA B 161 -1.13 4.46 6.11
C ALA B 161 -2.22 3.44 6.38
N LEU B 162 -2.79 2.90 5.31
CA LEU B 162 -3.84 1.93 5.55
C LEU B 162 -3.37 0.67 6.25
N VAL B 163 -2.10 0.32 6.07
CA VAL B 163 -1.51 -0.87 6.71
C VAL B 163 -1.36 -0.50 8.19
N ALA B 164 -0.83 0.68 8.44
CA ALA B 164 -0.57 1.16 9.80
C ALA B 164 -1.89 1.19 10.58
N GLN B 165 -3.02 1.35 9.89
CA GLN B 165 -4.36 1.30 10.48
C GLN B 165 -5.07 -0.06 10.47
N ASN B 166 -4.46 -1.07 9.86
CA ASN B 166 -5.13 -2.37 9.68
C ASN B 166 -4.34 -3.59 10.14
N HIS B 167 -3.45 -3.40 11.13
CA HIS B 167 -2.72 -4.52 11.74
C HIS B 167 -3.67 -5.45 12.48
N HIS B 168 -4.88 -4.99 12.77
CA HIS B 168 -5.90 -5.81 13.43
C HIS B 168 -6.67 -6.76 12.51
N THR B 169 -6.57 -6.59 11.19
CA THR B 169 -7.46 -7.23 10.22
C THR B 169 -6.73 -8.20 9.25
N GLN B 170 -5.40 -8.10 9.15
CA GLN B 170 -4.65 -8.96 8.25
C GLN B 170 -3.44 -9.59 8.95
N SER B 171 -2.91 -10.63 8.33
CA SER B 171 -1.61 -11.17 8.72
C SER B 171 -0.57 -10.05 8.73
N CYS B 172 0.50 -10.24 9.50
CA CYS B 172 1.38 -9.15 9.74
C CYS B 172 2.03 -8.60 8.47
N MET B 173 2.25 -7.30 8.53
CA MET B 173 2.79 -6.52 7.41
C MET B 173 3.87 -5.61 7.99
N ASP B 174 5.11 -6.06 7.88
CA ASP B 174 6.22 -5.29 8.42
C ASP B 174 6.29 -3.93 7.78
N PRO B 175 6.88 -2.99 8.50
CA PRO B 175 7.14 -1.67 7.99
C PRO B 175 8.43 -1.58 7.20
N ASN B 176 8.64 -0.39 6.66
CA ASN B 176 9.88 0.03 6.03
C ASN B 176 10.61 1.01 6.93
N VAL B 177 11.76 1.53 6.48
CA VAL B 177 12.60 2.36 7.35
C VAL B 177 13.15 3.51 6.49
N MET B 178 13.26 4.72 7.05
CA MET B 178 13.94 5.83 6.37
C MET B 178 14.87 6.44 7.40
N GLU B 179 16.16 6.42 7.10
CA GLU B 179 17.17 7.07 7.94
C GLU B 179 17.23 8.55 7.60
N ALA B 180 17.42 9.36 8.63
CA ALA B 180 17.45 10.81 8.48
C ALA B 180 18.41 11.39 9.51
N LYS B 181 19.07 12.47 9.08
CA LYS B 181 19.88 13.22 10.04
C LYS B 181 19.06 13.94 11.12
N ILE B 182 17.92 14.47 10.70
CA ILE B 182 16.96 15.13 11.57
C ILE B 182 15.54 14.78 11.22
N VAL B 183 14.72 14.51 12.25
CA VAL B 183 13.30 14.31 12.09
C VAL B 183 12.59 15.55 12.64
N VAL B 184 11.68 16.08 11.84
CA VAL B 184 10.82 17.16 12.34
C VAL B 184 9.43 16.58 12.50
N SER B 185 8.99 16.42 13.74
CA SER B 185 7.70 15.80 14.03
C SER B 185 6.64 16.90 14.16
N SER B 186 5.64 16.86 13.30
CA SER B 186 4.58 17.86 13.20
C SER B 186 3.25 17.11 13.07
N CYS B 187 2.96 16.21 14.00
CA CYS B 187 1.82 15.29 13.90
C CYS B 187 0.51 15.81 14.45
N GLY B 188 0.48 17.07 14.86
CA GLY B 188 -0.71 17.62 15.47
C GLY B 188 -1.05 17.01 16.81
N HIS B 189 -2.30 17.21 17.25
CA HIS B 189 -2.93 16.47 18.35
C HIS B 189 -4.20 15.63 17.97
N ASP B 190 -4.74 15.85 16.76
CA ASP B 190 -6.11 15.45 16.35
C ASP B 190 -6.02 14.03 15.75
N GLY B 191 -7.07 13.23 15.87
CA GLY B 191 -7.13 11.96 15.15
C GLY B 191 -6.43 10.79 15.85
N PRO B 192 -6.47 9.64 15.19
CA PRO B 192 -5.80 8.43 15.72
C PRO B 192 -4.29 8.56 15.60
N PHE B 193 -3.82 9.35 14.63
CA PHE B 193 -2.37 9.60 14.52
C PHE B 193 -1.87 10.84 15.28
N GLY B 194 -2.78 11.53 15.96
CA GLY B 194 -2.41 12.74 16.69
C GLY B 194 -1.21 12.46 17.58
N ALA B 195 -0.19 13.34 17.50
CA ALA B 195 0.95 13.33 18.40
C ALA B 195 1.72 12.01 18.38
N THR B 196 1.82 11.37 17.20
CA THR B 196 2.54 10.10 17.12
C THR B 196 3.96 10.17 17.68
N GLY B 197 4.70 11.23 17.31
CA GLY B 197 6.11 11.24 17.65
C GLY B 197 6.34 11.41 19.13
N VAL B 198 5.66 12.39 19.74
CA VAL B 198 5.87 12.56 21.18
C VAL B 198 5.29 11.44 22.05
N LYS B 199 4.17 10.85 21.64
CA LYS B 199 3.68 9.66 22.33
C LYS B 199 4.70 8.53 22.28
N ARG B 200 5.38 8.39 21.14
CA ARG B 200 6.41 7.36 21.07
C ARG B 200 7.64 7.66 21.95
N LEU B 201 8.09 8.91 21.99
CA LEU B 201 9.20 9.22 22.91
C LEU B 201 8.86 8.79 24.33
N LYS B 202 7.59 8.94 24.69
CA LYS B 202 7.15 8.61 26.05
C LYS B 202 7.11 7.10 26.22
N SER B 203 6.57 6.38 25.24
CA SER B 203 6.46 4.90 25.43
C SER B 203 7.80 4.17 25.37
N ILE B 204 8.85 4.80 24.82
CA ILE B 204 10.18 4.18 24.82
C ILE B 204 11.05 4.71 25.93
N GLY B 205 10.54 5.68 26.68
CA GLY B 205 11.19 6.09 27.91
C GLY B 205 12.13 7.27 27.70
N MET B 206 12.07 7.92 26.55
CA MET B 206 12.99 9.05 26.32
C MET B 206 12.54 10.37 26.90
N ILE B 207 11.23 10.52 27.09
CA ILE B 207 10.68 11.61 27.88
C ILE B 207 9.71 11.03 28.91
N ASP B 208 9.28 11.85 29.85
CA ASP B 208 8.63 11.38 31.06
C ASP B 208 7.10 11.43 30.94
N HIS B 209 6.57 12.52 30.39
CA HIS B 209 5.12 12.71 30.32
C HIS B 209 4.68 13.36 29.00
N VAL B 210 3.46 13.02 28.61
CA VAL B 210 2.72 13.78 27.61
C VAL B 210 1.36 14.15 28.23
N PRO B 211 1.35 15.27 28.94
CA PRO B 211 0.16 15.81 29.61
C PRO B 211 -1.05 16.06 28.71
N GLY B 212 -0.84 16.28 27.42
CA GLY B 212 -1.88 16.74 26.54
C GLY B 212 -2.09 18.25 26.66
N MET B 213 -2.61 18.80 25.59
CA MET B 213 -2.90 20.22 25.51
C MET B 213 -3.89 20.58 26.60
N LYS B 214 -3.73 21.78 27.13
CA LYS B 214 -4.65 22.33 28.09
C LYS B 214 -5.78 23.07 27.39
N ALA B 215 -6.65 23.69 28.18
CA ALA B 215 -7.82 24.36 27.66
C ALA B 215 -7.43 25.60 26.84
N LEU B 216 -8.39 26.24 26.16
CA LEU B 216 -8.06 27.23 25.16
C LEU B 216 -7.75 28.59 25.76
N ASP B 217 -6.69 29.23 25.24
CA ASP B 217 -6.24 30.56 25.69
C ASP B 217 -5.30 31.02 24.57
N MET B 218 -5.83 31.71 23.55
CA MET B 218 -5.05 32.07 22.38
C MET B 218 -3.84 32.94 22.72
N ASN B 219 -4.02 33.91 23.59
CA ASN B 219 -2.89 34.79 23.91
C ASN B 219 -1.73 34.09 24.57
N THR B 220 -2.02 33.16 25.46
CA THR B 220 -0.91 32.36 26.02
C THR B 220 -0.36 31.33 25.06
N ALA B 221 -1.26 30.68 24.35
CA ALA B 221 -0.93 29.46 23.60
C ALA B 221 0.02 29.74 22.45
N GLU B 222 -0.27 30.74 21.60
CA GLU B 222 0.54 30.88 20.39
C GLU B 222 2.01 31.25 20.65
N ASP B 223 2.23 32.17 21.59
CA ASP B 223 3.59 32.53 22.01
C ASP B 223 4.28 31.30 22.62
N ALA B 224 3.56 30.55 23.46
CA ALA B 224 4.11 29.34 24.08
C ALA B 224 4.55 28.26 23.09
N ILE B 225 3.71 27.99 22.08
CA ILE B 225 4.04 26.99 21.10
C ILE B 225 5.31 27.40 20.35
N VAL B 226 5.44 28.64 19.92
CA VAL B 226 6.68 29.07 19.27
C VAL B 226 7.90 28.88 20.19
N ARG B 227 7.77 29.37 21.43
CA ARG B 227 8.83 29.30 22.40
C ARG B 227 9.35 27.88 22.64
N LEU B 228 8.40 26.94 22.72
CA LEU B 228 8.68 25.59 23.14
C LEU B 228 9.11 24.70 21.99
N THR B 229 8.96 25.19 20.76
CA THR B 229 9.43 24.47 19.58
C THR B 229 10.94 24.33 19.67
N ARG B 230 11.44 23.10 19.55
CA ARG B 230 12.79 22.77 19.95
C ARG B 230 13.18 21.38 19.46
N GLU B 231 14.48 21.12 19.38
CA GLU B 231 15.01 19.75 19.40
C GLU B 231 14.82 19.12 20.75
N VAL B 232 13.81 18.27 20.85
CA VAL B 232 13.37 17.75 22.13
C VAL B 232 14.30 16.67 22.68
N VAL B 233 14.76 15.84 21.77
CA VAL B 233 15.81 14.86 22.02
C VAL B 233 16.73 14.92 20.82
N PRO B 234 17.95 14.42 20.97
CA PRO B 234 18.91 14.46 19.87
C PRO B 234 18.31 13.86 18.62
N GLY B 235 18.30 14.63 17.55
CA GLY B 235 17.80 14.19 16.26
C GLY B 235 16.34 14.44 15.97
N MET B 236 15.59 15.03 16.90
CA MET B 236 14.15 15.18 16.71
C MET B 236 13.64 16.51 17.25
N ILE B 237 13.11 17.29 16.32
CA ILE B 237 12.45 18.60 16.55
C ILE B 237 10.96 18.35 16.57
N VAL B 238 10.25 18.98 17.50
CA VAL B 238 8.80 18.90 17.53
C VAL B 238 8.25 20.29 17.26
N THR B 239 7.21 20.34 16.43
CA THR B 239 6.65 21.61 15.96
C THR B 239 5.11 21.52 15.90
N GLY B 240 4.49 22.68 15.90
CA GLY B 240 3.04 22.75 15.78
C GLY B 240 2.30 22.27 17.00
N MET B 241 1.07 21.79 16.84
CA MET B 241 0.27 21.44 18.02
C MET B 241 0.83 20.21 18.77
N GLU B 242 1.68 19.43 18.11
CA GLU B 242 2.35 18.36 18.83
C GLU B 242 3.21 18.90 20.02
N VAL B 243 3.73 20.10 19.89
CA VAL B 243 4.38 20.80 21.02
C VAL B 243 3.45 20.96 22.21
N ALA B 244 2.20 21.35 21.99
CA ALA B 244 1.27 21.51 23.12
C ALA B 244 1.03 20.21 23.84
N GLU B 245 1.05 19.12 23.08
CA GLU B 245 0.77 17.83 23.68
C GLU B 245 1.88 17.43 24.62
N ILE B 246 3.13 17.57 24.16
CA ILE B 246 4.26 17.24 25.01
C ILE B 246 4.48 18.16 26.20
N ASP B 247 4.19 19.44 26.01
CA ASP B 247 4.48 20.39 27.06
C ASP B 247 3.30 20.78 27.95
N GLY B 248 2.11 20.28 27.64
CA GLY B 248 0.91 20.74 28.33
C GLY B 248 0.61 22.22 28.14
N ALA B 249 0.82 22.72 26.93
CA ALA B 249 0.50 24.09 26.65
C ALA B 249 -0.99 24.18 26.36
N PRO B 250 -1.55 25.36 26.55
CA PRO B 250 -2.93 25.61 26.11
C PRO B 250 -3.06 25.54 24.61
N ARG B 251 -4.29 25.31 24.19
CA ARG B 251 -4.53 25.27 22.76
C ARG B 251 -5.03 26.63 22.30
N MET B 252 -5.02 26.81 20.98
CA MET B 252 -5.42 28.07 20.39
C MET B 252 -6.65 27.99 19.53
N GLY B 253 -7.06 26.79 19.14
CA GLY B 253 -8.22 26.71 18.27
C GLY B 253 -7.97 27.39 16.94
N PRO B 254 -8.98 28.07 16.41
CA PRO B 254 -9.00 28.47 14.99
C PRO B 254 -8.16 29.70 14.64
N THR B 255 -6.86 29.64 14.92
CA THR B 255 -5.96 30.68 14.51
C THR B 255 -4.66 29.96 14.20
N PHE B 256 -3.90 30.49 13.23
CA PHE B 256 -2.90 29.69 12.54
C PHE B 256 -1.49 30.27 12.56
N GLY B 257 -1.32 31.47 13.08
CA GLY B 257 0.01 32.06 13.12
C GLY B 257 1.05 31.21 13.83
N ALA B 258 0.71 30.64 14.98
CA ALA B 258 1.71 29.87 15.71
C ALA B 258 2.15 28.66 14.92
N MET B 259 1.23 28.06 14.15
CA MET B 259 1.63 26.90 13.34
C MET B 259 2.66 27.27 12.32
N MET B 260 2.47 28.39 11.63
CA MET B 260 3.40 28.86 10.63
C MET B 260 4.76 29.24 11.23
N ILE B 261 4.72 29.98 12.33
CA ILE B 261 5.94 30.43 12.95
C ILE B 261 6.67 29.31 13.68
N SER B 262 5.96 28.43 14.37
CA SER B 262 6.56 27.26 14.96
C SER B 262 7.24 26.46 13.87
N GLY B 263 6.57 26.25 12.75
CA GLY B 263 7.17 25.52 11.67
C GLY B 263 8.41 26.17 11.09
N GLN B 264 8.37 27.48 10.90
CA GLN B 264 9.50 28.20 10.43
C GLN B 264 10.68 28.07 11.40
N LYS B 265 10.41 28.24 12.68
CA LYS B 265 11.44 28.07 13.68
C LYS B 265 12.00 26.65 13.64
N ALA B 266 11.13 25.64 13.57
CA ALA B 266 11.57 24.25 13.45
C ALA B 266 12.49 24.05 12.24
N GLY B 267 12.13 24.63 11.11
CA GLY B 267 13.03 24.57 9.94
C GLY B 267 14.40 25.17 10.14
N GLN B 268 14.44 26.34 10.76
CA GLN B 268 15.68 26.98 11.12
C GLN B 268 16.49 26.17 12.13
N LEU B 269 15.81 25.55 13.08
CA LEU B 269 16.48 24.65 14.02
C LEU B 269 17.05 23.43 13.29
N ALA B 270 16.37 22.93 12.27
CA ALA B 270 16.88 21.79 11.50
C ALA B 270 18.14 22.20 10.71
N LEU B 271 18.11 23.36 10.06
CA LEU B 271 19.30 23.87 9.35
C LEU B 271 20.47 24.02 10.31
N LYS B 272 20.21 24.57 11.50
CA LYS B 272 21.24 24.68 12.50
C LYS B 272 21.80 23.31 12.91
N ALA B 273 20.90 22.35 13.14
CA ALA B 273 21.36 21.02 13.50
C ALA B 273 22.20 20.35 12.41
N LEU B 274 21.96 20.70 11.16
CA LEU B 274 22.70 20.16 10.01
C LEU B 274 24.02 20.90 9.77
N GLY B 275 24.27 21.92 10.55
CA GLY B 275 25.49 22.70 10.45
C GLY B 275 25.47 23.77 9.37
N LEU B 276 24.28 24.26 9.03
CA LEU B 276 24.10 25.14 7.88
C LEU B 276 23.74 26.51 8.39
N PRO B 277 23.94 27.53 7.56
CA PRO B 277 23.46 28.88 7.90
C PRO B 277 21.99 28.90 8.30
N ASN B 278 21.69 29.64 9.37
CA ASN B 278 20.36 29.60 9.97
C ASN B 278 20.05 30.86 10.77
N ALA B 279 18.77 31.10 10.96
CA ALA B 279 18.27 32.28 11.68
C ALA B 279 18.28 32.13 13.20
N ILE B 280 18.52 30.92 13.70
CA ILE B 280 18.61 30.73 15.13
C ILE B 280 19.90 31.40 15.63
N ASP B 281 20.98 31.16 14.88
CA ASP B 281 22.34 31.64 15.16
C ASP B 281 22.56 33.05 14.64
N GLY B 282 21.73 33.48 13.70
CA GLY B 282 21.99 34.70 12.95
C GLY B 282 22.98 34.61 11.79
N THR B 283 23.25 33.39 11.31
CA THR B 283 24.19 33.20 10.20
C THR B 283 23.53 33.16 8.82
N LEU B 284 22.21 33.17 8.77
CA LEU B 284 21.50 33.32 7.49
C LEU B 284 21.43 34.81 7.11
ZN ZN C . -16.67 -21.92 0.32
O2' AHZ D . -8.25 -14.08 -1.46
C2' AHZ D . -8.81 -14.95 -2.45
C3' AHZ D . -8.31 -16.40 -2.37
O3' AHZ D . -7.00 -16.58 -1.81
C1' AHZ D . -8.29 -14.59 -3.84
N9 AHZ D . -8.98 -13.49 -4.50
C8 AHZ D . -10.30 -13.42 -4.73
N7 AHZ D . -10.63 -12.32 -5.44
C5 AHZ D . -9.49 -11.66 -5.67
C6 AHZ D . -9.07 -10.43 -6.34
N1 AHZ D . -7.77 -10.12 -6.38
C2 AHZ D . -6.84 -10.90 -5.80
N6 AHZ D . -9.98 -9.65 -6.90
C4 AHZ D . -8.42 -12.43 -5.08
N3 AHZ D . -7.05 -12.04 -5.13
O4' AHZ D . -8.63 -15.74 -4.64
C4' AHZ D . -8.40 -16.91 -3.81
C5' AHZ D . -9.56 -17.85 -3.99
O5' AHZ D . -9.25 -19.05 -3.28
PA AHZ D . -10.39 -20.10 -2.86
O2A AHZ D . -9.64 -21.19 -2.15
O1A AHZ D . -11.53 -19.36 -2.24
O3A AHZ D . -10.99 -20.66 -4.27
PB AHZ D . -10.52 -21.94 -5.14
O1B AHZ D . -9.05 -22.02 -5.43
O2B AHZ D . -11.50 -21.80 -6.30
O3B AHZ D . -10.95 -23.15 -4.15
C7T AHZ D . -12.29 -23.29 -3.64
C6T AHZ D . -12.34 -24.28 -2.46
C5T AHZ D . -13.75 -24.19 -1.88
S1T AHZ D . -15.04 -25.22 -2.17
C2T AHZ D . -16.02 -24.27 -1.23
C1R AHZ D . -17.43 -24.44 -0.89
O1R AHZ D . -17.79 -23.63 0.01
O2R AHZ D . -18.13 -25.29 -1.51
N3T AHZ D . -15.44 -23.27 -0.72
C4T AHZ D . -14.15 -23.19 -1.09
C1M AHZ D . -13.27 -22.06 -0.59
C1 HTO E . -21.27 -46.24 -4.08
O1 HTO E . -22.20 -45.77 -3.13
C2 HTO E . -20.13 -45.24 -4.16
O2 HTO E . -20.67 -43.97 -3.80
C3 HTO E . -18.99 -45.53 -3.19
O3 HTO E . -18.71 -44.25 -2.59
C4 HTO E . -17.79 -46.16 -3.91
C5 HTO E . -16.83 -46.98 -3.06
C6 HTO E . -16.46 -48.28 -3.78
C7 HTO E . -15.00 -48.68 -3.80
ZN ZN F . -7.56 20.45 16.97
O2' AHZ G . -2.53 13.46 8.95
C2' AHZ G . -1.85 14.28 9.91
C3' AHZ G . -1.94 15.77 9.56
O3' AHZ G . -1.98 16.01 8.15
C1' AHZ G . -0.35 14.07 9.87
N9 AHZ G . 0.15 12.98 10.70
C8 AHZ G . -0.08 12.81 12.02
N7 AHZ G . 0.55 11.74 12.55
C5 AHZ G . 1.22 11.18 11.53
C6 AHZ G . 2.10 10.02 11.31
N1 AHZ G . 2.55 9.82 10.06
C2 AHZ G . 2.27 10.64 9.01
N6 AHZ G . 2.41 9.19 12.32
C4 AHZ G . 0.95 11.97 10.37
N3 AHZ G . 1.50 11.72 9.07
O4' AHZ G . 0.16 15.25 10.52
C4' AHZ G . -0.66 16.39 10.14
C5' AHZ G . -0.89 17.20 11.39
O5' AHZ G . -1.54 18.38 10.94
PA AHZ G . -2.41 19.29 11.93
O2A AHZ G . -2.93 20.41 11.07
O1A AHZ G . -3.29 18.38 12.76
O3A AHZ G . -1.36 19.86 13.02
PB AHZ G . -0.47 21.21 12.94
O1B AHZ G . 0.23 21.41 11.64
O2B AHZ G . 0.35 21.11 14.20
O3B AHZ G . -1.60 22.37 13.06
C7T AHZ G . -2.58 22.31 14.10
C6T AHZ G . -3.79 23.20 13.78
C5T AHZ G . -4.76 23.00 14.94
S1T AHZ G . -4.95 23.94 16.35
C2T AHZ G . -6.10 22.89 16.91
C1R AHZ G . -6.88 22.92 18.14
O1R AHZ G . -7.81 22.07 18.16
O2R AHZ G . -6.61 23.71 19.07
N3T AHZ G . -6.33 21.91 16.13
C4T AHZ G . -5.57 21.96 15.00
C1M AHZ G . -5.65 20.93 13.91
#